data_4C14
#
_entry.id   4C14
#
_cell.length_a   72.674
_cell.length_b   94.971
_cell.length_c   146.949
_cell.angle_alpha   90.00
_cell.angle_beta   90.00
_cell.angle_gamma   90.00
#
_symmetry.space_group_name_H-M   'F 2 2 2'
#
loop_
_entity.id
_entity.type
_entity.pdbx_description
1 polymer 'FMN-DEPENDENT NADH-AZOREDUCTASE 1'
2 non-polymer '[5-[3-[2-[[4-[2-[1-azanyl-7-[2-[4-[methyl-bis(oxidanyl)-$l^{4}-sulfanyl]phenyl]hydrazinyl]-8-oxidanyl-3,6-bis[tris(oxidanyl)-$l^{4}-sulfanyl]naphthalen-2-yl]hydrazinyl]phenyl]-bis(oxidanyl)-$l^{4}-sulfanyl]ethoxy]-7,8-dimethyl-2,4-bis(oxidanylidene)benzo[g]pteridin-10-yl]-2,3,4-tris(oxidanyl)pentyl] dihydrogen phosphate'
3 non-polymer 'DODECAETHYLENE GLYCOL'
4 water water
#
_entity_poly.entity_id   1
_entity_poly.type   'polypeptide(L)'
_entity_poly.pdbx_seq_one_letter_code
;MKLLHIDSSILGDNSASRQLSREVVEAWKAADPSVEVVYRDLAADAIAHFSAATLVAAGTPEDVRDAAQAFEAKLSAETL
EEFLAADAVVIGAPMYNFTVPTQLKAWIDRVAVAGKTFRYTEAGPQGLCGNKKVVLVSTAGGLHAGQPTGAGHEDFLKVF
LGFIGITDLEIVRAHGLAYGPEQRSQAIDAAQAQIASELFAAA
;
_entity_poly.pdbx_strand_id   A
#
loop_
_chem_comp.id
_chem_comp.type
_chem_comp.name
_chem_comp.formula
12P non-polymer 'DODECAETHYLENE GLYCOL' 'C24 H50 O13'
FD5 non-polymer '[5-[3-[2-[[4-[2-[1-azanyl-7-[2-[4-[methyl-bis(oxidanyl)-$l^{4}-sulfanyl]phenyl]hydrazinyl]-8-oxidanyl-3,6-bis[tris(oxidanyl)-$l^{4}-sulfanyl]naphthalen-2-yl]hydrazinyl]phenyl]-bis(oxidanyl)-$l^{4}-sulfanyl]ethoxy]-7,8-dimethyl-2,4-bis(oxidanylidene)benzo[g]pteridin-10-yl]-2,3,4-tris(oxidanyl)pentyl] dihydrogen phosphate' 'C42 H54 N9 O21 P S4'
#
# COMPACT_ATOMS: atom_id res chain seq x y z
N MET A 1 -4.03 18.56 -1.58
CA MET A 1 -4.44 17.19 -1.81
C MET A 1 -4.06 16.30 -0.63
N LYS A 2 -4.69 15.13 -0.54
CA LYS A 2 -4.46 14.23 0.58
C LYS A 2 -3.54 13.08 0.22
N LEU A 3 -2.43 12.97 0.94
CA LEU A 3 -1.47 11.90 0.74
C LEU A 3 -1.59 10.86 1.84
N LEU A 4 -1.89 9.63 1.46
CA LEU A 4 -1.95 8.53 2.41
C LEU A 4 -0.62 7.77 2.40
N HIS A 5 0.04 7.78 3.55
CA HIS A 5 1.36 7.19 3.71
C HIS A 5 1.22 5.87 4.45
N ILE A 6 1.47 4.78 3.74
CA ILE A 6 1.31 3.44 4.30
CA ILE A 6 1.30 3.41 4.24
C ILE A 6 2.64 2.73 4.43
N ASP A 7 2.87 2.16 5.61
CA ASP A 7 4.06 1.32 5.84
C ASP A 7 3.59 -0.07 6.25
N SER A 8 4.34 -1.10 5.89
CA SER A 8 3.96 -2.46 6.27
C SER A 8 5.13 -3.29 6.77
N SER A 9 6.32 -2.68 6.84
CA SER A 9 7.50 -3.39 7.32
C SER A 9 7.40 -3.73 8.80
N ILE A 10 7.97 -4.87 9.19
CA ILE A 10 7.99 -5.27 10.59
C ILE A 10 9.36 -5.01 11.23
N LEU A 11 10.24 -4.33 10.49
CA LEU A 11 11.62 -4.16 10.93
C LEU A 11 11.90 -2.81 11.59
N GLY A 12 10.84 -2.06 11.86
CA GLY A 12 10.97 -0.79 12.55
C GLY A 12 12.07 0.11 12.00
N ASP A 13 12.99 0.51 12.87
CA ASP A 13 14.04 1.46 12.51
C ASP A 13 15.05 0.90 11.52
N ASN A 14 15.15 -0.43 11.46
CA ASN A 14 16.04 -1.08 10.51
C ASN A 14 15.38 -1.31 9.15
N SER A 15 14.17 -0.80 9.00
CA SER A 15 13.40 -0.99 7.76
C SER A 15 13.87 -0.13 6.60
N ALA A 16 14.09 -0.76 5.46
CA ALA A 16 14.44 -0.05 4.23
C ALA A 16 13.23 0.71 3.68
N SER A 17 12.09 0.03 3.59
CA SER A 17 10.90 0.64 2.98
C SER A 17 10.34 1.78 3.84
N ARG A 18 10.51 1.68 5.16
CA ARG A 18 10.09 2.75 6.06
C ARG A 18 10.92 4.01 5.83
N GLN A 19 12.22 3.84 5.66
CA GLN A 19 13.10 4.97 5.38
C GLN A 19 12.73 5.62 4.06
N LEU A 20 12.61 4.80 3.02
CA LEU A 20 12.36 5.31 1.68
C LEU A 20 10.95 5.88 1.53
N SER A 21 9.97 5.27 2.18
CA SER A 21 8.61 5.78 2.10
C SER A 21 8.53 7.15 2.76
N ARG A 22 9.21 7.30 3.90
CA ARG A 22 9.27 8.59 4.57
C ARG A 22 9.98 9.63 3.71
N GLU A 23 11.02 9.21 3.01
CA GLU A 23 11.76 10.12 2.15
C GLU A 23 10.95 10.55 0.94
N VAL A 24 10.16 9.64 0.39
CA VAL A 24 9.24 9.99 -0.69
C VAL A 24 8.27 11.06 -0.20
N VAL A 25 7.68 10.83 0.97
CA VAL A 25 6.68 11.75 1.51
C VAL A 25 7.27 13.11 1.84
N GLU A 26 8.47 13.12 2.44
CA GLU A 26 9.13 14.37 2.77
C GLU A 26 9.43 15.18 1.52
N ALA A 27 9.86 14.48 0.47
CA ALA A 27 10.11 15.10 -0.82
C ALA A 27 8.82 15.66 -1.40
N TRP A 28 7.73 14.92 -1.19
CA TRP A 28 6.44 15.34 -1.69
C TRP A 28 5.97 16.60 -0.98
N LYS A 29 6.12 16.61 0.34
CA LYS A 29 5.81 17.81 1.13
C LYS A 29 6.59 19.01 0.63
N ALA A 30 7.88 18.78 0.36
CA ALA A 30 8.75 19.86 -0.11
C ALA A 30 8.24 20.42 -1.42
N ALA A 31 7.91 19.53 -2.35
CA ALA A 31 7.44 19.95 -3.68
C ALA A 31 6.04 20.57 -3.65
N ASP A 32 5.25 20.20 -2.65
CA ASP A 32 3.89 20.73 -2.52
C ASP A 32 3.53 20.92 -1.05
N PRO A 33 3.89 22.08 -0.49
CA PRO A 33 3.71 22.41 0.93
C PRO A 33 2.27 22.29 1.43
N SER A 34 1.29 22.27 0.53
CA SER A 34 -0.10 22.21 0.95
CA SER A 34 -0.11 22.20 0.93
C SER A 34 -0.61 20.78 1.11
N VAL A 35 0.22 19.80 0.75
CA VAL A 35 -0.19 18.40 0.87
C VAL A 35 -0.51 18.05 2.32
N GLU A 36 -1.63 17.37 2.52
CA GLU A 36 -2.04 16.91 3.85
C GLU A 36 -1.77 15.41 4.00
N VAL A 37 -0.86 15.06 4.90
CA VAL A 37 -0.44 13.67 5.06
C VAL A 37 -1.23 12.91 6.13
N VAL A 38 -1.68 11.71 5.77
CA VAL A 38 -2.28 10.79 6.72
C VAL A 38 -1.42 9.54 6.79
N TYR A 39 -1.01 9.16 7.99
CA TYR A 39 -0.12 8.01 8.17
C TYR A 39 -0.87 6.78 8.67
N ARG A 40 -0.55 5.62 8.10
CA ARG A 40 -1.04 4.37 8.64
C ARG A 40 0.04 3.31 8.62
N ASP A 41 0.47 2.92 9.82
CA ASP A 41 1.46 1.87 9.98
C ASP A 41 0.75 0.53 10.14
N LEU A 42 0.71 -0.23 9.05
CA LEU A 42 -0.04 -1.49 9.02
C LEU A 42 0.61 -2.59 9.85
N ALA A 43 1.86 -2.38 10.25
CA ALA A 43 2.57 -3.35 11.09
C ALA A 43 2.32 -3.07 12.57
N ALA A 44 2.38 -1.79 12.95
CA ALA A 44 2.18 -1.40 14.34
C ALA A 44 0.71 -1.57 14.74
N ASP A 45 -0.18 -1.25 13.79
CA ASP A 45 -1.61 -1.35 14.02
CA ASP A 45 -1.61 -1.34 14.02
C ASP A 45 -2.22 -2.29 12.98
N ALA A 46 -1.97 -3.58 13.15
CA ALA A 46 -2.38 -4.57 12.15
C ALA A 46 -3.89 -4.73 11.97
N ILE A 47 -4.29 -4.81 10.72
CA ILE A 47 -5.68 -5.06 10.34
C ILE A 47 -5.97 -6.55 10.42
N ALA A 48 -7.07 -6.90 11.08
CA ALA A 48 -7.48 -8.29 11.23
C ALA A 48 -7.60 -9.00 9.88
N HIS A 49 -7.28 -10.29 9.86
CA HIS A 49 -7.50 -11.13 8.69
C HIS A 49 -8.90 -10.89 8.17
N PHE A 50 -9.04 -10.74 6.86
CA PHE A 50 -10.37 -10.66 6.25
C PHE A 50 -11.02 -12.02 6.42
N SER A 51 -12.07 -12.08 7.25
CA SER A 51 -12.60 -13.35 7.70
C SER A 51 -14.08 -13.52 7.38
N ALA A 52 -14.60 -14.71 7.70
CA ALA A 52 -16.04 -14.96 7.61
C ALA A 52 -16.78 -13.90 8.41
N ALA A 53 -16.23 -13.56 9.57
CA ALA A 53 -16.84 -12.54 10.42
C ALA A 53 -16.86 -11.17 9.74
N THR A 54 -15.82 -10.87 8.98
CA THR A 54 -15.79 -9.63 8.20
C THR A 54 -16.96 -9.60 7.21
N LEU A 55 -17.22 -10.73 6.56
CA LEU A 55 -18.32 -10.83 5.61
C LEU A 55 -19.68 -10.73 6.31
N VAL A 56 -19.85 -11.49 7.39
CA VAL A 56 -21.12 -11.47 8.11
C VAL A 56 -21.43 -10.08 8.64
N ALA A 57 -20.43 -9.43 9.21
CA ALA A 57 -20.61 -8.09 9.76
C ALA A 57 -21.12 -7.12 8.69
N ALA A 58 -20.62 -7.27 7.47
CA ALA A 58 -20.99 -6.38 6.39
C ALA A 58 -22.46 -6.54 6.02
N GLY A 59 -22.95 -7.77 6.12
CA GLY A 59 -24.32 -8.09 5.75
C GLY A 59 -25.28 -8.06 6.93
N THR A 60 -24.85 -7.45 8.02
CA THR A 60 -25.69 -7.33 9.20
C THR A 60 -25.97 -5.85 9.50
N PRO A 61 -27.23 -5.46 9.72
CA PRO A 61 -27.47 -4.03 9.94
C PRO A 61 -26.88 -3.56 11.25
N GLU A 62 -26.44 -2.30 11.29
CA GLU A 62 -25.74 -1.79 12.46
C GLU A 62 -26.49 -2.04 13.76
N ASP A 63 -27.81 -1.91 13.71
CA ASP A 63 -28.59 -1.95 14.93
C ASP A 63 -28.62 -3.34 15.53
N VAL A 64 -28.22 -4.33 14.74
CA VAL A 64 -28.27 -5.71 15.22
C VAL A 64 -26.88 -6.35 15.32
N ARG A 65 -25.85 -5.59 14.97
CA ARG A 65 -24.47 -6.04 15.13
C ARG A 65 -24.10 -6.18 16.59
N ASP A 66 -23.39 -7.25 16.92
CA ASP A 66 -22.77 -7.36 18.24
C ASP A 66 -21.43 -6.63 18.21
N ALA A 67 -20.72 -6.65 19.34
CA ALA A 67 -19.50 -5.87 19.47
C ALA A 67 -18.43 -6.24 18.45
N ALA A 68 -18.24 -7.55 18.26
CA ALA A 68 -17.25 -8.04 17.30
C ALA A 68 -17.58 -7.59 15.87
N GLN A 69 -18.87 -7.59 15.53
CA GLN A 69 -19.31 -7.20 14.20
C GLN A 69 -19.20 -5.70 13.98
N ALA A 70 -19.41 -4.92 15.04
CA ALA A 70 -19.23 -3.47 14.96
C ALA A 70 -17.76 -3.17 14.73
N PHE A 71 -16.89 -3.96 15.36
CA PHE A 71 -15.46 -3.80 15.19
C PHE A 71 -15.07 -4.04 13.73
N GLU A 72 -15.49 -5.17 13.19
CA GLU A 72 -15.19 -5.53 11.81
C GLU A 72 -15.74 -4.49 10.84
N ALA A 73 -16.99 -4.11 11.04
CA ALA A 73 -17.65 -3.15 10.15
C ALA A 73 -16.96 -1.80 10.18
N LYS A 74 -16.56 -1.35 11.36
CA LYS A 74 -15.89 -0.07 11.49
C LYS A 74 -14.50 -0.13 10.87
N LEU A 75 -13.80 -1.24 11.10
CA LEU A 75 -12.48 -1.45 10.53
C LEU A 75 -12.55 -1.38 9.01
N SER A 76 -13.54 -2.05 8.43
CA SER A 76 -13.74 -2.04 6.99
C SER A 76 -14.06 -0.62 6.49
N ALA A 77 -14.94 0.06 7.22
CA ALA A 77 -15.40 1.39 6.81
C ALA A 77 -14.30 2.44 6.88
N GLU A 78 -13.56 2.47 7.98
CA GLU A 78 -12.55 3.51 8.17
C GLU A 78 -11.36 3.34 7.23
N THR A 79 -10.98 2.10 6.95
CA THR A 79 -9.88 1.81 6.02
CA THR A 79 -9.87 1.86 6.04
C THR A 79 -10.25 2.20 4.60
N LEU A 80 -11.44 1.79 4.18
CA LEU A 80 -11.92 2.09 2.85
C LEU A 80 -12.06 3.59 2.66
N GLU A 81 -12.70 4.25 3.62
CA GLU A 81 -12.98 5.67 3.48
C GLU A 81 -11.70 6.49 3.48
N GLU A 82 -10.71 6.06 4.25
CA GLU A 82 -9.40 6.70 4.28
C GLU A 82 -8.74 6.62 2.90
N PHE A 83 -8.86 5.46 2.26
CA PHE A 83 -8.28 5.27 0.93
C PHE A 83 -9.03 6.09 -0.12
N LEU A 84 -10.36 6.05 -0.06
CA LEU A 84 -11.19 6.79 -1.01
C LEU A 84 -10.88 8.29 -0.97
N ALA A 85 -10.58 8.79 0.22
CA ALA A 85 -10.32 10.22 0.40
C ALA A 85 -8.91 10.62 -0.05
N ALA A 86 -8.02 9.63 -0.13
CA ALA A 86 -6.65 9.89 -0.56
C ALA A 86 -6.58 10.23 -2.05
N ASP A 87 -5.77 11.22 -2.38
CA ASP A 87 -5.51 11.57 -3.78
C ASP A 87 -4.18 10.98 -4.22
N ALA A 88 -3.32 10.70 -3.24
CA ALA A 88 -2.04 10.08 -3.51
C ALA A 88 -1.74 9.07 -2.42
N VAL A 89 -1.08 7.98 -2.79
CA VAL A 89 -0.76 6.94 -1.85
C VAL A 89 0.69 6.51 -2.02
N VAL A 90 1.43 6.52 -0.93
CA VAL A 90 2.78 6.00 -0.91
C VAL A 90 2.75 4.74 -0.08
N ILE A 91 3.18 3.62 -0.67
CA ILE A 91 3.05 2.33 -0.02
C ILE A 91 4.39 1.64 0.16
N GLY A 92 4.76 1.38 1.42
CA GLY A 92 5.94 0.61 1.73
C GLY A 92 5.61 -0.86 1.60
N ALA A 93 6.30 -1.55 0.70
CA ALA A 93 5.96 -2.93 0.38
C ALA A 93 7.19 -3.83 0.29
N PRO A 94 7.62 -4.36 1.45
CA PRO A 94 8.72 -5.32 1.52
C PRO A 94 8.30 -6.63 0.88
N MET A 95 9.28 -7.45 0.47
CA MET A 95 8.97 -8.82 0.11
C MET A 95 9.29 -9.71 1.29
N TYR A 96 8.24 -10.32 1.86
CA TYR A 96 8.43 -11.33 2.88
C TYR A 96 7.96 -12.66 2.30
N ASN A 97 8.86 -13.62 2.22
CA ASN A 97 8.53 -14.94 1.68
C ASN A 97 7.83 -14.84 0.32
N PHE A 98 8.49 -14.12 -0.59
CA PHE A 98 8.13 -14.05 -1.99
C PHE A 98 6.84 -13.30 -2.30
N THR A 99 6.31 -12.59 -1.32
CA THR A 99 5.12 -11.79 -1.56
C THR A 99 5.11 -10.61 -0.58
N VAL A 100 3.99 -9.89 -0.52
CA VAL A 100 3.87 -8.76 0.38
C VAL A 100 3.56 -9.24 1.79
N PRO A 101 3.76 -8.38 2.80
CA PRO A 101 3.40 -8.79 4.16
C PRO A 101 1.89 -9.00 4.26
N THR A 102 1.46 -9.94 5.09
CA THR A 102 0.03 -10.12 5.31
C THR A 102 -0.60 -8.84 5.85
N GLN A 103 0.20 -8.05 6.56
CA GLN A 103 -0.27 -6.76 7.06
C GLN A 103 -0.69 -5.84 5.92
N LEU A 104 0.00 -5.93 4.79
CA LEU A 104 -0.35 -5.11 3.62
C LEU A 104 -1.52 -5.72 2.86
N LYS A 105 -1.52 -7.05 2.73
CA LYS A 105 -2.61 -7.71 2.03
C LYS A 105 -3.93 -7.56 2.77
N ALA A 106 -3.87 -7.52 4.10
CA ALA A 106 -5.07 -7.35 4.90
C ALA A 106 -5.71 -5.98 4.62
N TRP A 107 -4.86 -5.01 4.32
CA TRP A 107 -5.31 -3.67 3.95
C TRP A 107 -5.94 -3.70 2.56
N ILE A 108 -5.27 -4.37 1.63
CA ILE A 108 -5.80 -4.58 0.29
C ILE A 108 -7.20 -5.19 0.34
N ASP A 109 -7.38 -6.17 1.21
CA ASP A 109 -8.67 -6.83 1.36
C ASP A 109 -9.79 -5.87 1.77
N ARG A 110 -9.42 -4.80 2.46
CA ARG A 110 -10.41 -3.82 2.93
C ARG A 110 -10.65 -2.69 1.93
N VAL A 111 -9.72 -2.47 1.01
CA VAL A 111 -9.88 -1.39 0.03
C VAL A 111 -10.38 -1.89 -1.33
N ALA A 112 -10.34 -3.20 -1.53
CA ALA A 112 -10.92 -3.79 -2.73
C ALA A 112 -12.42 -4.02 -2.50
N VAL A 113 -13.22 -3.01 -2.82
CA VAL A 113 -14.64 -3.06 -2.52
C VAL A 113 -15.51 -2.69 -3.74
N ALA A 114 -16.35 -3.64 -4.15
CA ALA A 114 -17.23 -3.45 -5.30
C ALA A 114 -18.15 -2.24 -5.10
N GLY A 115 -18.24 -1.41 -6.13
CA GLY A 115 -19.07 -0.21 -6.07
C GLY A 115 -18.34 0.98 -5.48
N LYS A 116 -17.11 0.74 -5.01
CA LYS A 116 -16.34 1.81 -4.38
C LYS A 116 -14.97 2.04 -5.02
N THR A 117 -14.16 0.99 -5.14
CA THR A 117 -12.85 1.12 -5.79
C THR A 117 -12.79 0.42 -7.14
N PHE A 118 -13.76 -0.45 -7.38
CA PHE A 118 -13.97 -1.01 -8.71
C PHE A 118 -15.44 -1.32 -8.80
N ARG A 119 -15.91 -1.68 -9.98
CA ARG A 119 -17.29 -2.09 -10.10
C ARG A 119 -17.45 -3.14 -11.18
N TYR A 120 -18.50 -3.93 -11.03
CA TYR A 120 -18.84 -4.92 -12.03
C TYR A 120 -19.81 -4.30 -13.00
N THR A 121 -19.44 -4.27 -14.27
CA THR A 121 -20.34 -3.79 -15.30
C THR A 121 -20.75 -4.94 -16.19
N GLU A 122 -21.92 -4.80 -16.83
CA GLU A 122 -22.35 -5.80 -17.77
C GLU A 122 -21.23 -6.02 -18.79
N ALA A 123 -20.31 -5.06 -18.87
CA ALA A 123 -19.17 -5.15 -19.76
C ALA A 123 -17.96 -5.79 -19.09
N GLY A 124 -18.04 -6.01 -17.78
CA GLY A 124 -16.90 -6.50 -17.03
C GLY A 124 -16.56 -5.57 -15.87
N PRO A 125 -15.35 -5.67 -15.33
CA PRO A 125 -15.10 -4.96 -14.07
C PRO A 125 -14.06 -3.88 -14.27
N GLN A 126 -14.38 -2.66 -13.86
CA GLN A 126 -13.49 -1.55 -14.10
C GLN A 126 -13.09 -0.84 -12.82
N GLY A 127 -11.83 -0.42 -12.77
CA GLY A 127 -11.31 0.32 -11.63
C GLY A 127 -11.91 1.71 -11.58
N LEU A 128 -12.06 2.23 -10.37
CA LEU A 128 -12.65 3.55 -10.17
C LEU A 128 -11.66 4.52 -9.54
N CYS A 129 -10.41 4.10 -9.45
CA CYS A 129 -9.41 4.91 -8.74
C CYS A 129 -8.40 5.59 -9.66
N GLY A 130 -8.79 5.80 -10.91
CA GLY A 130 -7.91 6.36 -11.91
C GLY A 130 -7.33 7.72 -11.57
N ASN A 131 -7.97 8.45 -10.66
CA ASN A 131 -7.48 9.78 -10.28
C ASN A 131 -6.35 9.74 -9.25
N LYS A 132 -6.16 8.59 -8.61
CA LYS A 132 -5.16 8.48 -7.56
C LYS A 132 -3.76 8.20 -8.08
N LYS A 133 -2.79 8.90 -7.52
CA LYS A 133 -1.38 8.67 -7.82
C LYS A 133 -0.81 7.75 -6.78
N VAL A 134 -0.07 6.75 -7.23
CA VAL A 134 0.53 5.81 -6.29
C VAL A 134 2.04 5.75 -6.47
N VAL A 135 2.75 5.81 -5.36
CA VAL A 135 4.18 5.55 -5.36
C VAL A 135 4.44 4.33 -4.52
N LEU A 136 4.90 3.27 -5.19
CA LEU A 136 5.15 2.02 -4.53
C LEU A 136 6.62 1.96 -4.13
N VAL A 137 6.87 1.77 -2.83
CA VAL A 137 8.24 1.61 -2.36
C VAL A 137 8.51 0.12 -2.17
N SER A 138 9.25 -0.46 -3.11
CA SER A 138 9.44 -1.89 -3.19
C SER A 138 10.84 -2.32 -2.75
N THR A 139 10.90 -3.10 -1.69
CA THR A 139 12.18 -3.54 -1.14
C THR A 139 12.26 -5.06 -1.04
N ALA A 140 13.45 -5.60 -1.31
CA ALA A 140 13.62 -7.05 -1.32
C ALA A 140 15.08 -7.43 -1.09
N GLY A 141 15.30 -8.59 -0.48
CA GLY A 141 16.65 -9.05 -0.20
C GLY A 141 17.36 -9.47 -1.46
N GLY A 142 16.64 -10.13 -2.35
CA GLY A 142 17.22 -10.61 -3.60
C GLY A 142 16.88 -9.71 -4.77
N LEU A 143 17.23 -10.16 -5.96
CA LEU A 143 16.90 -9.45 -7.19
C LEU A 143 15.94 -10.31 -7.98
N HIS A 144 14.67 -9.94 -7.95
CA HIS A 144 13.64 -10.79 -8.51
C HIS A 144 12.82 -10.09 -9.57
N ALA A 145 13.04 -8.79 -9.72
CA ALA A 145 12.24 -8.02 -10.65
C ALA A 145 12.39 -8.56 -12.07
N GLY A 146 11.27 -8.86 -12.70
CA GLY A 146 11.25 -9.34 -14.07
C GLY A 146 11.52 -10.84 -14.16
N GLN A 147 11.62 -11.49 -13.02
CA GLN A 147 11.86 -12.92 -12.96
C GLN A 147 10.65 -13.61 -12.39
N PRO A 148 10.52 -14.92 -12.63
CA PRO A 148 9.33 -15.61 -12.11
C PRO A 148 9.19 -15.50 -10.60
N THR A 149 10.31 -15.42 -9.89
CA THR A 149 10.30 -15.37 -8.42
C THR A 149 9.70 -14.07 -7.89
N GLY A 150 9.48 -13.10 -8.78
CA GLY A 150 8.95 -11.82 -8.36
C GLY A 150 7.43 -11.73 -8.45
N ALA A 151 6.81 -12.84 -8.86
CA ALA A 151 5.37 -12.87 -9.16
C ALA A 151 4.47 -12.41 -8.01
N GLY A 152 4.79 -12.79 -6.79
CA GLY A 152 3.92 -12.53 -5.65
C GLY A 152 4.14 -11.16 -5.04
N HIS A 153 5.19 -10.48 -5.51
CA HIS A 153 5.56 -9.18 -4.97
C HIS A 153 5.09 -8.06 -5.90
N GLU A 154 5.99 -7.54 -6.73
CA GLU A 154 5.64 -6.43 -7.62
C GLU A 154 4.59 -6.77 -8.67
N ASP A 155 4.67 -7.96 -9.25
CA ASP A 155 3.70 -8.36 -10.28
C ASP A 155 2.29 -8.38 -9.70
N PHE A 156 2.14 -8.97 -8.51
CA PHE A 156 0.85 -8.99 -7.83
C PHE A 156 0.34 -7.58 -7.55
N LEU A 157 1.21 -6.74 -7.03
CA LEU A 157 0.80 -5.37 -6.69
C LEU A 157 0.36 -4.61 -7.92
N LYS A 158 1.10 -4.77 -9.02
CA LYS A 158 0.70 -4.11 -10.27
C LYS A 158 -0.65 -4.62 -10.73
N VAL A 159 -0.91 -5.92 -10.55
CA VAL A 159 -2.21 -6.49 -10.91
C VAL A 159 -3.34 -5.87 -10.11
N PHE A 160 -3.18 -5.82 -8.79
CA PHE A 160 -4.23 -5.28 -7.95
C PHE A 160 -4.50 -3.81 -8.22
N LEU A 161 -3.42 -3.03 -8.29
CA LEU A 161 -3.54 -1.60 -8.52
C LEU A 161 -4.20 -1.32 -9.86
N GLY A 162 -3.82 -2.10 -10.86
CA GLY A 162 -4.43 -1.98 -12.18
C GLY A 162 -5.91 -2.28 -12.14
N PHE A 163 -6.26 -3.30 -11.36
CA PHE A 163 -7.65 -3.72 -11.23
C PHE A 163 -8.55 -2.60 -10.69
N ILE A 164 -8.07 -1.89 -9.68
CA ILE A 164 -8.85 -0.79 -9.11
C ILE A 164 -8.66 0.50 -9.90
N GLY A 165 -7.93 0.41 -11.01
CA GLY A 165 -7.87 1.51 -11.96
C GLY A 165 -6.72 2.48 -11.84
N ILE A 166 -5.71 2.17 -11.04
CA ILE A 166 -4.54 3.03 -10.93
C ILE A 166 -3.76 3.04 -12.24
N THR A 167 -3.60 4.22 -12.83
CA THR A 167 -2.80 4.36 -14.04
C THR A 167 -1.52 5.14 -13.79
N ASP A 168 -1.56 6.02 -12.80
CA ASP A 168 -0.41 6.85 -12.45
C ASP A 168 0.36 6.20 -11.31
N LEU A 169 1.30 5.34 -11.67
CA LEU A 169 2.03 4.54 -10.69
C LEU A 169 3.53 4.71 -10.91
N GLU A 170 4.25 4.97 -9.82
CA GLU A 170 5.70 4.98 -9.87
C GLU A 170 6.23 3.96 -8.88
N ILE A 171 7.31 3.28 -9.24
CA ILE A 171 7.90 2.31 -8.35
C ILE A 171 9.32 2.72 -7.95
N VAL A 172 9.49 2.96 -6.66
CA VAL A 172 10.80 3.25 -6.10
C VAL A 172 11.35 1.97 -5.49
N ARG A 173 12.34 1.42 -6.16
CA ARG A 173 12.78 0.06 -5.88
C ARG A 173 14.16 0.01 -5.26
N ALA A 174 14.29 -0.76 -4.19
CA ALA A 174 15.60 -1.04 -3.60
C ALA A 174 15.70 -2.53 -3.31
N HIS A 175 16.28 -3.27 -4.26
CA HIS A 175 16.38 -4.72 -4.15
C HIS A 175 17.83 -5.18 -3.99
N GLY A 176 18.02 -6.48 -3.93
CA GLY A 176 19.33 -7.05 -3.72
C GLY A 176 19.94 -6.58 -2.40
N LEU A 177 19.08 -6.32 -1.42
CA LEU A 177 19.53 -5.81 -0.13
C LEU A 177 20.19 -6.86 0.75
N ALA A 178 20.06 -8.13 0.38
CA ALA A 178 20.56 -9.22 1.20
C ALA A 178 22.00 -9.55 0.83
N TYR A 179 22.47 -8.93 -0.24
CA TYR A 179 23.75 -9.28 -0.85
C TYR A 179 24.95 -8.59 -0.24
N GLY A 180 24.79 -8.06 0.97
CA GLY A 180 25.88 -7.37 1.64
C GLY A 180 25.69 -5.87 1.75
N PRO A 181 26.50 -5.21 2.59
CA PRO A 181 26.30 -3.79 2.90
C PRO A 181 26.56 -2.86 1.72
N GLU A 182 27.48 -3.22 0.84
CA GLU A 182 27.79 -2.37 -0.31
C GLU A 182 26.66 -2.40 -1.36
N GLN A 183 26.19 -3.59 -1.69
CA GLN A 183 25.08 -3.71 -2.62
C GLN A 183 23.85 -3.07 -2.01
N ARG A 184 23.67 -3.24 -0.70
CA ARG A 184 22.54 -2.65 0.00
C ARG A 184 22.60 -1.12 -0.04
N SER A 185 23.79 -0.59 0.21
CA SER A 185 23.99 0.86 0.20
C SER A 185 23.68 1.46 -1.16
N GLN A 186 24.20 0.85 -2.22
CA GLN A 186 23.98 1.38 -3.56
C GLN A 186 22.52 1.29 -3.97
N ALA A 187 21.87 0.19 -3.61
CA ALA A 187 20.47 -0.02 -3.95
C ALA A 187 19.64 1.11 -3.36
N ILE A 188 19.95 1.47 -2.12
CA ILE A 188 19.25 2.53 -1.42
C ILE A 188 19.66 3.91 -1.95
N ASP A 189 20.95 4.07 -2.24
CA ASP A 189 21.43 5.31 -2.83
C ASP A 189 20.71 5.60 -4.14
N ALA A 190 20.57 4.58 -4.97
CA ALA A 190 19.89 4.71 -6.26
C ALA A 190 18.42 5.06 -6.07
N ALA A 191 17.80 4.49 -5.05
CA ALA A 191 16.39 4.76 -4.76
C ALA A 191 16.23 6.20 -4.32
N GLN A 192 17.15 6.67 -3.49
CA GLN A 192 17.15 8.06 -3.04
C GLN A 192 17.35 9.01 -4.22
N ALA A 193 18.23 8.64 -5.14
CA ALA A 193 18.47 9.44 -6.33
C ALA A 193 17.19 9.55 -7.15
N GLN A 194 16.52 8.42 -7.35
CA GLN A 194 15.25 8.42 -8.06
C GLN A 194 14.28 9.39 -7.42
N ILE A 195 14.19 9.33 -6.09
CA ILE A 195 13.28 10.19 -5.34
C ILE A 195 13.59 11.67 -5.57
N ALA A 196 14.87 11.99 -5.59
CA ALA A 196 15.31 13.39 -5.63
C ALA A 196 15.17 14.05 -7.01
N SER A 197 15.27 13.25 -8.07
CA SER A 197 15.35 13.83 -9.41
C SER A 197 14.51 13.13 -10.47
N GLU A 198 13.68 12.17 -10.06
CA GLU A 198 12.90 11.40 -11.02
C GLU A 198 11.44 11.20 -10.61
N LEU A 199 11.02 11.85 -9.54
CA LEU A 199 9.64 11.73 -9.08
C LEU A 199 8.88 13.03 -9.29
N PHE A 200 9.44 14.13 -8.80
CA PHE A 200 8.77 15.42 -8.84
C PHE A 200 9.49 16.39 -9.77
N ALA A 201 8.90 17.36 -10.26
P FD5 B . 11.87 -3.63 4.97
N1 FD5 B . 13.87 -11.13 0.77
C2 FD5 B . 13.79 -11.84 -0.47
O2 FD5 B . 14.53 -11.43 -1.55
N3 FD5 B . 12.95 -12.96 -0.57
C4 FD5 B . 12.17 -13.38 0.53
O4 FD5 B . 11.34 -14.47 0.44
N5 FD5 B . 11.56 -12.97 3.00
C6 FD5 B . 11.05 -12.48 5.31
C7 FD5 B . 11.20 -11.73 6.46
C8 FD5 B . 12.06 -10.63 6.50
C9 FD5 B . 12.77 -10.30 5.33
C01 FD5 B . 16.70 -7.82 10.25
C01 FD5 B . 16.31 -8.29 10.56
C1' FD5 B . 14.18 -9.69 2.91
C10 FD5 B . 13.13 -11.54 1.85
N10 FD5 B . 13.28 -10.79 3.00
O1P FD5 B . 11.28 -2.26 5.13
C2' FD5 B . 13.26 -8.30 2.64
O2' FD5 B . 12.71 -8.30 1.51
O2P FD5 B . 13.31 -3.48 5.35
C3' FD5 B . 14.24 -7.05 2.74
O3' FD5 B . 14.91 -7.18 4.12
O3P FD5 B . 11.28 -4.47 6.08
C4' FD5 B . 13.59 -5.77 2.68
O4' FD5 B . 14.52 -4.83 3.10
C4A FD5 B . 12.27 -12.64 1.84
C5' FD5 B . 12.33 -5.65 3.49
O5' FD5 B . 11.76 -4.34 3.66
C5A FD5 B . 11.74 -12.17 4.16
C7M FD5 B . 10.43 -12.11 7.69
C8M FD5 B . 12.21 -9.83 7.74
C9A FD5 B . 12.60 -11.07 4.19
CA1 FD5 B . 13.09 -14.96 -1.81
OA1 FD5 B . 12.89 -13.58 -1.73
CAA FD5 B . 17.25 -7.54 9.01
CAA FD5 B . 15.72 -9.56 10.55
CAC FD5 B . 15.93 -8.95 10.48
CAC FD5 B . 16.80 -7.71 9.39
CAD FD5 B . 15.69 -9.89 9.43
CAD FD5 B . 16.72 -8.40 8.14
CAE FD5 B . 16.25 -9.60 8.15
CAE FD5 B . 16.13 -9.71 8.15
CAF FD5 B . 17.02 -8.44 7.97
CAF FD5 B . 15.64 -10.24 9.35
CAG FD5 B . 16.04 -10.49 7.07
CAG FD5 B . 16.00 -10.46 6.95
CAH FD5 B . 16.64 -10.13 5.84
CAH FD5 B . 15.40 -11.74 7.02
CAI FD5 B . 17.39 -8.96 5.68
CAI FD5 B . 14.92 -12.25 8.23
CAJ FD5 B . 17.59 -8.10 6.74
CAJ FD5 B . 15.04 -11.51 9.41
SAK FD5 B . 17.01 -6.65 11.56
SAK FD5 B . 16.40 -7.44 12.11
SAL FD5 B . 18.09 -8.59 4.09
SAL FD5 B . 14.16 -13.86 8.32
NAM FD5 B . 16.49 -10.96 4.63
NAM FD5 B . 15.26 -12.56 5.80
NAN FD5 B . 15.39 -9.19 11.82
NAN FD5 B . 17.42 -6.38 9.43
OAO FD5 B . 18.18 -7.12 12.34
OAO FD5 B . 15.85 -6.08 11.98
NAP FD5 B . 15.27 -11.67 7.25
NAP FD5 B . 16.49 -9.93 5.70
OAP FD5 B . 15.83 -6.55 12.43
OAP FD5 B . 17.81 -7.36 12.56
OAQ FD5 B . 17.30 -5.35 10.96
OAQ FD5 B . 15.61 -8.19 13.11
OAR FD5 B . 18.67 -7.23 4.15
OAR FD5 B . 14.80 -14.63 9.40
OAS FD5 B . 19.14 -9.57 3.79
OAS FD5 B . 12.73 -13.69 8.63
OAT FD5 B . 17.04 -8.64 3.07
OAT FD5 B . 14.31 -14.56 7.04
NAU FD5 B . 15.60 -10.37 12.46
NAU FD5 B . 18.35 -6.08 10.39
NAV FD5 B . 15.98 -12.23 4.66
CAW FD5 B . 15.84 -12.98 3.41
CAX FD5 B . 15.69 -10.36 13.93
CAX FD5 B . 19.22 -4.90 10.22
OAX FD5 B . 14.94 -11.03 9.64
OAX FD5 B . 17.21 -7.85 6.97
CAY FD5 B . 16.55 -12.52 2.31
CAZ FD5 B . 16.42 -13.24 1.11
CBA FD5 B . 15.59 -14.35 1.08
CBB FD5 B . 14.88 -14.80 2.19
CBC FD5 B . 15.00 -14.10 3.39
CBD FD5 B . 15.87 -9.16 14.59
CBD FD5 B . 20.09 -4.55 11.22
CBE FD5 B . 15.96 -9.15 16.09
CBE FD5 B . 20.98 -3.35 11.05
CBF FD5 B . 15.86 -10.31 16.80
CBF FD5 B . 20.92 -2.60 9.90
CBG FD5 B . 15.66 -11.61 16.07
CBG FD5 B . 19.97 -2.99 8.80
CBH FD5 B . 15.57 -11.64 14.70
CBH FD5 B . 19.16 -4.09 8.95
SBI FD5 B . 15.44 -15.24 -0.46
SBJ FD5 B . 15.96 -10.32 18.57
SBJ FD5 B . 21.98 -1.19 9.71
OBK FD5 B . 16.28 -16.44 -0.38
OBL FD5 B . 15.88 -14.37 -1.55
CBM FD5 B . 13.74 -15.72 -0.66
OBN FD5 B . 17.38 -10.52 18.94
OBN FD5 B . 23.00 -1.46 8.69
OBO FD5 B . 15.16 -11.43 19.08
OBO FD5 B . 21.18 -0.03 9.31
CBP FD5 B . 15.40 -8.78 19.24
CBP FD5 B . 22.78 -0.85 11.26
HAA FD5 B . 17.78 -6.73 8.87
HBB FD5 B . 14.31 -15.59 2.12
HBC FD5 B . 14.52 -14.38 4.18
HBD FD5 B . 15.94 -8.35 14.09
HBE FD5 B . 16.09 -8.31 16.56
HBG FD5 B . 15.59 -12.44 16.58
HBH FD5 B . 15.45 -12.48 14.23
HAJ FD5 B . 18.11 -7.28 6.64
HOBK FD5 B . 16.60 -16.62 -1.19
HOBL FD5 B . 15.93 -14.85 -2.29
HNAM FD5 B . 16.75 -10.61 3.82
HBM FD5 B . 13.25 -15.49 0.16
HA1 FD5 B . 12.23 -15.38 -2.02
HBMA FD5 B . 13.68 -16.68 -0.81
HNAN FD5 B . 14.90 -8.53 12.23
HOBN FD5 B . 17.42 -10.73 19.81
HOAO FD5 B . 18.74 -6.44 12.46
HOBO FD5 B . 15.20 -11.44 19.98
HOAP FD5 B . 15.46 -5.74 12.35
HBP FD5 B . 15.90 -8.05 18.83
HNAP FD5 B . 14.50 -11.79 6.79
HBPA FD5 B . 15.54 -8.78 20.20
HNAA FD5 B . 15.54 -12.31 7.84
HBPB FD5 B . 14.45 -8.68 19.04
HOAQ FD5 B . 17.34 -4.73 11.60
HOAR FD5 B . 18.85 -6.95 3.33
HOAS FD5 B . 19.92 -9.27 4.10
HOAT FD5 B . 17.14 -7.95 2.50
HNAU FD5 B . 15.69 -11.15 12.01
HNAV FD5 B . 15.74 -12.59 5.44
HOAX FD5 B . 14.13 -10.81 9.93
HAY FD5 B . 17.12 -11.74 2.36
HAZ FD5 B . 16.90 -12.95 0.31
O37 12P C . 20.28 -14.77 -0.40
C36 12P C . 20.33 -13.77 0.57
C35 12P C . 20.84 -14.17 1.92
O34 12P C . 19.97 -13.98 2.98
C33 12P C . 20.42 -13.29 4.09
C32 12P C . 19.73 -13.59 5.38
O31 12P C . 19.56 -12.56 6.30
#